data_3GSE
#
_entry.id   3GSE
#
_cell.length_a   84.190
_cell.length_b   76.997
_cell.length_c   70.414
_cell.angle_alpha   90.00
_cell.angle_beta   90.39
_cell.angle_gamma   90.00
#
_symmetry.space_group_name_H-M   'C 1 2 1'
#
loop_
_entity.id
_entity.type
_entity.pdbx_description
1 polymer 'Menaquinone-specific isochorismate synthase'
2 non-polymer 'SULFATE ION'
3 water water
#
_entity_poly.entity_id   1
_entity_poly.type   'polypeptide(L)'
_entity_poly.pdbx_seq_one_letter_code
;SNAMKQLSGLLGELRQKLCAGFPEQAGIQQLIFPAPGLVGRQLLEWLTAQTHFPQFYWRHRDNHEEAAVCGQTRSFADMK
DADDFIQQNPDANGLRIWGLNAFEPVMVFGQLTDNGLVSGKNAQASFLFLPRLEILRRGKKTSLTLNLSSETSLQKDALQ
AITFIDQLMAARALPVLNARIQHSSHTPGYPQWRNLIQQALNDIEQQKLDKVVLARTTTLTLNKPLSCAAFMAASRQVNH
RCYHFMLRFDDRQAFLGSSPERLYLRQQLHLETEALAGTVSNLDSDPQAAVLADWLMHDEKNQRENLLVVDDICQRLQGG
VTAVDVMPPEIIRLRKVQHLRRRICAQLSRASDTDCLQRLQPTAAVAGLPREAARQFIAKHELFSRGWYAGSAGYLSLKR
TEFSVALRSARVDGQQIHLYAGAGIVAGSDAEQEWQEIDNKSAGLQSLLEHEAQPVKA
;
_entity_poly.pdbx_strand_id   A
#
# COMPACT_ATOMS: atom_id res chain seq x y z
N GLN A 6 17.97 9.22 -23.01
CA GLN A 6 18.17 8.02 -22.14
C GLN A 6 18.46 8.38 -20.68
N LEU A 7 18.00 7.53 -19.76
CA LEU A 7 18.29 7.65 -18.32
C LEU A 7 19.78 7.74 -18.01
N SER A 8 20.58 6.99 -18.76
CA SER A 8 22.02 7.03 -18.62
C SER A 8 22.61 8.44 -18.83
N GLY A 9 22.02 9.20 -19.76
CA GLY A 9 22.47 10.59 -19.96
C GLY A 9 22.13 11.44 -18.73
N LEU A 10 20.91 11.33 -18.25
CA LEU A 10 20.40 12.09 -17.11
C LEU A 10 21.21 11.77 -15.88
N LEU A 11 21.53 10.50 -15.68
CA LEU A 11 22.31 10.07 -14.53
C LEU A 11 23.74 10.64 -14.58
N GLY A 12 24.29 10.79 -15.78
CA GLY A 12 25.57 11.53 -15.95
C GLY A 12 25.49 13.02 -15.61
N GLU A 13 24.46 13.70 -16.08
CA GLU A 13 24.24 15.09 -15.67
C GLU A 13 24.11 15.17 -14.15
N LEU A 14 23.32 14.29 -13.55
CA LEU A 14 23.20 14.30 -12.09
C LEU A 14 24.60 14.14 -11.42
N ARG A 15 25.36 13.21 -11.97
CA ARG A 15 26.65 12.87 -11.38
C ARG A 15 27.58 14.06 -11.45
N GLN A 16 27.60 14.72 -12.62
CA GLN A 16 28.38 15.95 -12.79
C GLN A 16 28.04 17.00 -11.73
N LYS A 17 26.75 17.18 -11.50
CA LYS A 17 26.33 18.17 -10.54
C LYS A 17 26.75 17.76 -9.12
N LEU A 18 26.75 16.49 -8.83
CA LEU A 18 27.21 16.01 -7.54
C LEU A 18 28.70 16.27 -7.35
N CYS A 19 29.46 16.29 -8.45
CA CYS A 19 30.90 16.50 -8.38
C CYS A 19 31.33 17.93 -8.16
N ALA A 20 30.45 18.89 -8.41
CA ALA A 20 30.69 20.25 -8.01
C ALA A 20 30.51 20.34 -6.48
N GLY A 21 30.79 21.49 -5.89
CA GLY A 21 30.82 21.54 -4.42
C GLY A 21 29.47 21.39 -3.76
N PHE A 22 29.49 21.11 -2.46
CA PHE A 22 28.34 21.25 -1.58
C PHE A 22 28.87 21.67 -0.24
N PRO A 23 28.05 22.35 0.56
CA PRO A 23 28.60 22.82 1.83
C PRO A 23 29.11 21.68 2.71
N GLU A 24 30.24 21.88 3.36
CA GLU A 24 30.64 20.99 4.42
C GLU A 24 29.91 21.43 5.68
N GLN A 25 28.58 21.38 5.65
CA GLN A 25 27.76 21.61 6.83
C GLN A 25 26.43 20.85 6.71
N ALA A 26 25.75 20.69 7.86
CA ALA A 26 24.51 19.91 7.92
C ALA A 26 23.44 20.46 6.98
N GLY A 27 22.60 19.60 6.46
CA GLY A 27 21.56 20.08 5.58
C GLY A 27 20.75 19.04 4.87
N ILE A 28 19.98 19.54 3.93
CA ILE A 28 19.15 18.72 3.09
C ILE A 28 19.06 19.41 1.72
N GLN A 29 19.14 18.64 0.64
CA GLN A 29 18.98 19.21 -0.70
C GLN A 29 18.41 18.20 -1.71
N GLN A 30 17.63 18.68 -2.67
CA GLN A 30 17.04 17.86 -3.70
C GLN A 30 17.66 18.26 -5.04
N LEU A 31 18.12 17.31 -5.81
CA LEU A 31 18.54 17.58 -7.19
C LEU A 31 17.44 16.97 -8.04
N ILE A 32 16.77 17.82 -8.81
CA ILE A 32 15.56 17.46 -9.53
C ILE A 32 15.83 17.59 -11.04
N PHE A 33 15.70 16.49 -11.75
CA PHE A 33 15.99 16.46 -13.17
C PHE A 33 14.76 15.94 -13.92
N PRO A 34 14.16 16.78 -14.77
CA PRO A 34 13.18 16.25 -15.71
C PRO A 34 13.71 15.04 -16.51
N ALA A 35 12.89 14.00 -16.65
CA ALA A 35 13.34 12.78 -17.29
C ALA A 35 12.54 12.54 -18.52
N PRO A 36 13.07 11.77 -19.47
CA PRO A 36 12.28 11.40 -20.64
C PRO A 36 11.04 10.60 -20.22
N GLY A 37 9.92 10.84 -20.89
CA GLY A 37 8.69 10.18 -20.50
C GLY A 37 8.81 8.66 -20.50
N LEU A 38 9.57 8.14 -21.44
CA LEU A 38 9.73 6.69 -21.54
C LEU A 38 10.23 6.11 -20.23
N VAL A 39 11.12 6.81 -19.54
CA VAL A 39 11.65 6.29 -18.27
C VAL A 39 10.46 6.02 -17.32
N GLY A 40 9.42 6.83 -17.40
CA GLY A 40 8.25 6.63 -16.55
C GLY A 40 7.42 5.40 -16.84
N ARG A 41 7.65 4.80 -18.00
CA ARG A 41 6.95 3.58 -18.44
C ARG A 41 7.80 2.32 -18.09
N GLN A 42 9.03 2.52 -17.65
CA GLN A 42 9.98 1.43 -17.38
C GLN A 42 10.41 1.36 -15.90
N LEU A 43 9.53 1.75 -15.00
CA LEU A 43 9.99 1.96 -13.62
C LEU A 43 10.20 0.68 -12.80
N LEU A 44 9.34 -0.33 -12.96
CA LEU A 44 9.54 -1.63 -12.26
C LEU A 44 10.81 -2.33 -12.82
N GLU A 45 10.96 -2.31 -14.14
CA GLU A 45 12.16 -2.80 -14.83
C GLU A 45 13.44 -2.19 -14.27
N TRP A 46 13.43 -0.88 -14.01
CA TRP A 46 14.61 -0.19 -13.52
C TRP A 46 14.84 -0.49 -12.03
N LEU A 47 13.79 -0.42 -11.23
CA LEU A 47 13.93 -0.58 -9.79
C LEU A 47 14.53 -1.95 -9.45
N THR A 48 13.96 -2.99 -10.04
CA THR A 48 14.32 -4.37 -9.66
C THR A 48 15.68 -4.84 -10.21
N ALA A 49 16.28 -4.10 -11.13
CA ALA A 49 17.66 -4.36 -11.54
C ALA A 49 18.63 -3.84 -10.48
N GLN A 50 18.16 -3.00 -9.56
CA GLN A 50 19.07 -2.38 -8.62
C GLN A 50 19.34 -3.32 -7.46
N THR A 51 20.57 -3.26 -6.96
CA THR A 51 21.00 -3.96 -5.77
C THR A 51 21.01 -3.07 -4.51
N HIS A 52 20.57 -1.81 -4.60
CA HIS A 52 20.45 -0.93 -3.41
C HIS A 52 19.06 -1.08 -2.77
N PHE A 53 19.01 -1.16 -1.46
CA PHE A 53 17.76 -1.27 -0.73
C PHE A 53 17.63 -0.21 0.36
N PRO A 54 16.40 0.04 0.84
CA PRO A 54 15.11 -0.52 0.44
C PRO A 54 14.69 -0.01 -0.90
N GLN A 55 13.71 -0.68 -1.50
CA GLN A 55 13.11 -0.27 -2.76
C GLN A 55 11.61 -0.17 -2.55
N PHE A 56 10.98 0.85 -3.15
CA PHE A 56 9.54 0.93 -3.12
C PHE A 56 9.01 1.30 -4.51
N TYR A 57 8.11 0.45 -5.01
CA TYR A 57 7.44 0.64 -6.28
C TYR A 57 5.98 1.01 -6.00
N TRP A 58 5.44 1.93 -6.77
CA TRP A 58 4.10 2.45 -6.56
C TRP A 58 3.46 2.66 -7.92
N ARG A 59 2.27 2.14 -8.10
CA ARG A 59 1.48 2.49 -9.28
C ARG A 59 0.06 2.76 -8.85
N HIS A 60 -0.38 3.98 -9.06
CA HIS A 60 -1.72 4.40 -8.68
C HIS A 60 -2.79 3.63 -9.48
N ARG A 61 -3.89 3.36 -8.79
CA ARG A 61 -5.02 2.67 -9.37
C ARG A 61 -5.53 3.41 -10.59
N ASP A 62 -5.30 4.74 -10.68
CA ASP A 62 -5.73 5.52 -11.84
C ASP A 62 -4.81 5.48 -13.05
N ASN A 63 -3.67 4.78 -12.98
CA ASN A 63 -2.74 4.64 -14.12
C ASN A 63 -1.97 5.95 -14.43
N HIS A 64 -2.16 6.97 -13.61
CA HIS A 64 -1.60 8.27 -13.87
C HIS A 64 -0.41 8.64 -13.00
N GLU A 65 -0.21 7.94 -11.89
CA GLU A 65 0.92 8.19 -11.01
C GLU A 65 1.70 6.90 -10.77
N GLU A 66 3.03 6.97 -10.87
CA GLU A 66 3.88 5.79 -10.73
C GLU A 66 5.29 6.17 -10.29
N ALA A 67 5.88 5.36 -9.43
CA ALA A 67 7.17 5.69 -8.85
C ALA A 67 8.05 4.46 -8.62
N ALA A 68 9.36 4.69 -8.74
CA ALA A 68 10.38 3.73 -8.35
C ALA A 68 11.31 4.46 -7.40
N VAL A 69 11.38 4.02 -6.16
CA VAL A 69 12.26 4.68 -5.20
C VAL A 69 13.21 3.65 -4.61
N CYS A 70 14.44 4.08 -4.41
CA CYS A 70 15.56 3.24 -4.20
C CYS A 70 16.57 3.83 -3.15
N GLY A 71 17.00 3.05 -2.19
CA GLY A 71 17.95 3.52 -1.20
C GLY A 71 17.28 4.46 -0.19
N GLN A 72 17.96 4.77 0.88
CA GLN A 72 17.41 5.66 1.81
C GLN A 72 18.41 6.65 2.33
N THR A 73 17.88 7.78 2.76
CA THR A 73 18.66 8.88 3.21
C THR A 73 18.22 9.17 4.68
N ARG A 74 16.94 8.95 4.98
CA ARG A 74 16.40 8.88 6.35
C ARG A 74 15.29 7.82 6.40
N SER A 75 15.15 7.16 7.54
CA SER A 75 13.99 6.31 7.75
C SER A 75 13.34 6.61 9.07
N PHE A 76 12.03 6.39 9.12
CA PHE A 76 11.27 6.73 10.32
C PHE A 76 10.47 5.51 10.67
N ALA A 77 10.29 5.29 11.96
CA ALA A 77 9.58 4.14 12.49
C ALA A 77 8.11 4.42 12.76
N ASP A 78 7.69 5.68 12.58
CA ASP A 78 6.28 5.99 12.68
C ASP A 78 5.92 7.31 11.97
N MET A 79 4.65 7.46 11.67
CA MET A 79 4.12 8.61 10.97
C MET A 79 4.42 9.93 11.66
N LYS A 80 4.27 10.00 12.99
CA LYS A 80 4.59 11.22 13.73
C LYS A 80 5.97 11.76 13.37
N ASP A 81 6.99 10.90 13.46
CA ASP A 81 8.37 11.32 13.17
C ASP A 81 8.59 11.67 11.69
N ALA A 82 7.96 10.91 10.80
CA ALA A 82 8.04 11.22 9.36
C ALA A 82 7.35 12.56 9.07
N ASP A 83 6.18 12.75 9.66
CA ASP A 83 5.40 14.00 9.54
C ASP A 83 6.19 15.19 10.10
N ASP A 84 6.72 15.03 11.30
CA ASP A 84 7.53 16.08 11.95
C ASP A 84 8.72 16.53 11.08
N PHE A 85 9.37 15.57 10.42
CA PHE A 85 10.44 15.87 9.48
C PHE A 85 9.96 16.66 8.26
N ILE A 86 8.81 16.31 7.69
CA ILE A 86 8.28 17.12 6.58
C ILE A 86 7.98 18.55 7.07
N GLN A 87 7.39 18.69 8.26
CA GLN A 87 6.97 19.99 8.77
C GLN A 87 8.17 20.90 9.00
N GLN A 88 9.28 20.32 9.42
CA GLN A 88 10.51 21.05 9.66
C GLN A 88 11.22 21.39 8.36
N ASN A 89 10.69 20.95 7.22
CA ASN A 89 11.24 21.34 5.92
C ASN A 89 10.24 22.00 4.97
N PRO A 90 9.58 23.08 5.42
CA PRO A 90 8.55 23.74 4.61
C PRO A 90 9.12 24.27 3.31
N ASP A 91 10.38 24.65 3.33
CA ASP A 91 11.13 25.03 2.13
C ASP A 91 11.05 24.04 0.97
N ALA A 92 11.24 22.77 1.30
CA ALA A 92 11.67 21.79 0.31
C ALA A 92 10.46 21.20 -0.41
N ASN A 93 10.08 21.79 -1.53
CA ASN A 93 8.93 21.27 -2.30
C ASN A 93 9.25 19.88 -2.87
N GLY A 94 8.29 18.96 -2.80
CA GLY A 94 8.47 17.65 -3.41
C GLY A 94 9.31 16.70 -2.59
N LEU A 95 9.60 17.08 -1.36
CA LEU A 95 10.18 16.17 -0.39
C LEU A 95 9.14 15.10 -0.01
N ARG A 96 9.22 13.95 -0.64
CA ARG A 96 8.25 12.91 -0.40
C ARG A 96 8.86 11.77 0.38
N ILE A 97 8.13 11.31 1.38
CA ILE A 97 8.54 10.15 2.16
C ILE A 97 7.64 8.97 1.82
N TRP A 98 8.24 7.80 1.62
CA TRP A 98 7.53 6.64 1.06
C TRP A 98 7.54 5.45 2.03
N GLY A 99 6.48 4.65 1.98
CA GLY A 99 6.47 3.38 2.66
C GLY A 99 5.13 2.90 3.21
N LEU A 100 5.26 2.18 4.32
CA LEU A 100 4.24 1.34 4.90
C LEU A 100 3.88 1.81 6.28
N ASN A 101 2.59 1.79 6.58
CA ASN A 101 2.11 1.88 7.96
C ASN A 101 1.43 0.56 8.31
N ALA A 102 2.02 -0.18 9.24
CA ALA A 102 1.51 -1.49 9.60
C ALA A 102 0.12 -1.46 10.25
N PHE A 103 -0.57 -2.59 10.13
CA PHE A 103 -1.79 -2.80 10.90
C PHE A 103 -1.33 -2.95 12.35
N GLU A 104 -0.25 -3.69 12.56
CA GLU A 104 0.30 -3.93 13.91
C GLU A 104 1.83 -3.89 13.79
N PRO A 105 2.54 -3.33 14.80
CA PRO A 105 3.97 -3.05 14.62
C PRO A 105 4.85 -4.25 14.23
N VAL A 106 5.81 -4.04 13.33
CA VAL A 106 6.63 -5.12 12.79
C VAL A 106 8.12 -4.93 13.11
N MET A 107 8.77 -6.01 13.50
CA MET A 107 10.25 -6.05 13.58
C MET A 107 10.86 -6.03 12.18
N VAL A 108 11.52 -4.94 11.79
CA VAL A 108 11.92 -4.73 10.38
C VAL A 108 13.43 -4.97 10.08
N ASN A 122 13.01 -2.95 19.02
CA ASN A 122 11.57 -2.72 18.94
C ASN A 122 10.97 -2.86 17.54
N ALA A 123 9.75 -3.39 17.49
CA ALA A 123 8.93 -3.39 16.30
C ALA A 123 8.46 -1.96 16.00
N GLN A 124 8.22 -1.68 14.73
CA GLN A 124 7.90 -0.33 14.24
C GLN A 124 6.46 -0.27 13.73
N ALA A 125 5.75 0.79 14.09
CA ALA A 125 4.37 1.03 13.61
C ALA A 125 4.35 1.33 12.10
N SER A 126 5.45 1.86 11.58
CA SER A 126 5.58 2.19 10.18
C SER A 126 7.01 1.91 9.70
N PHE A 127 7.19 1.77 8.39
CA PHE A 127 8.50 1.78 7.73
C PHE A 127 8.45 2.82 6.61
N LEU A 128 8.90 4.02 6.95
CA LEU A 128 8.76 5.18 6.07
C LEU A 128 10.16 5.72 5.80
N PHE A 129 10.50 6.00 4.55
CA PHE A 129 11.84 6.48 4.27
C PHE A 129 11.89 7.57 3.22
N LEU A 130 12.80 8.51 3.45
CA LEU A 130 13.19 9.49 2.47
C LEU A 130 14.14 8.78 1.53
N PRO A 131 13.77 8.65 0.26
CA PRO A 131 14.66 7.86 -0.61
C PRO A 131 15.99 8.54 -0.96
N ARG A 132 16.99 7.75 -1.34
CA ARG A 132 18.17 8.31 -2.02
C ARG A 132 17.74 8.80 -3.38
N LEU A 133 17.00 7.98 -4.11
CA LEU A 133 16.62 8.28 -5.48
C LEU A 133 15.15 7.98 -5.72
N GLU A 134 14.47 8.90 -6.40
CA GLU A 134 13.05 8.77 -6.67
C GLU A 134 12.84 9.11 -8.09
N ILE A 135 12.24 8.20 -8.83
CA ILE A 135 11.79 8.48 -10.20
C ILE A 135 10.28 8.40 -10.18
N LEU A 136 9.64 9.55 -10.43
CA LEU A 136 8.22 9.73 -10.27
C LEU A 136 7.56 10.09 -11.57
N ARG A 137 6.53 9.34 -11.95
CA ARG A 137 5.72 9.74 -13.11
C ARG A 137 4.35 10.21 -12.66
N ARG A 138 3.96 11.39 -13.13
CA ARG A 138 2.59 11.86 -13.05
C ARG A 138 2.09 12.20 -14.45
N GLY A 139 1.19 11.37 -14.97
CA GLY A 139 0.67 11.52 -16.33
C GLY A 139 1.78 11.21 -17.32
N LYS A 140 2.15 12.19 -18.12
CA LYS A 140 3.22 12.04 -19.12
C LYS A 140 4.58 12.60 -18.64
N LYS A 141 4.60 13.42 -17.57
CA LYS A 141 5.83 14.03 -17.06
C LYS A 141 6.50 13.16 -16.00
N THR A 142 7.76 12.82 -16.25
CA THR A 142 8.57 12.06 -15.33
C THR A 142 9.75 12.93 -14.82
N SER A 143 9.99 12.85 -13.52
CA SER A 143 11.16 13.43 -12.95
C SER A 143 11.91 12.48 -12.03
N LEU A 144 13.22 12.68 -12.06
CA LEU A 144 14.20 11.98 -11.24
C LEU A 144 14.64 12.95 -10.16
N THR A 145 14.65 12.50 -8.92
CA THR A 145 15.09 13.32 -7.80
C THR A 145 16.11 12.58 -6.94
N LEU A 146 17.22 13.25 -6.61
CA LEU A 146 18.22 12.66 -5.73
C LEU A 146 18.26 13.49 -4.49
N ASN A 147 18.01 12.86 -3.34
CA ASN A 147 18.06 13.55 -2.07
C ASN A 147 19.43 13.46 -1.44
N LEU A 148 19.93 14.61 -1.00
CA LEU A 148 21.12 14.69 -0.17
C LEU A 148 20.68 15.14 1.21
N SER A 149 21.35 14.59 2.21
CA SER A 149 20.97 14.79 3.61
C SER A 149 22.16 14.48 4.46
N SER A 150 22.47 15.37 5.40
CA SER A 150 23.46 15.05 6.41
C SER A 150 23.31 15.87 7.68
N GLU A 151 23.82 15.33 8.78
CA GLU A 151 23.90 16.06 10.06
C GLU A 151 25.18 16.85 10.20
N THR A 152 26.09 16.71 9.24
CA THR A 152 27.40 17.34 9.35
C THR A 152 27.87 17.99 8.08
N SER A 153 27.73 17.29 6.96
CA SER A 153 28.30 17.72 5.70
C SER A 153 27.55 17.20 4.48
N LEU A 154 26.96 18.13 3.74
CA LEU A 154 26.32 17.80 2.49
C LEU A 154 27.36 17.37 1.47
N GLN A 155 28.58 17.87 1.59
CA GLN A 155 29.69 17.38 0.77
C GLN A 155 29.99 15.91 1.06
N LYS A 156 30.11 15.53 2.33
CA LYS A 156 30.29 14.12 2.64
C LYS A 156 29.18 13.32 1.97
N ASP A 157 27.93 13.76 2.10
CA ASP A 157 26.82 13.00 1.54
C ASP A 157 26.83 12.94 0.02
N ALA A 158 27.25 14.03 -0.63
CA ALA A 158 27.32 14.06 -2.11
C ALA A 158 28.27 12.96 -2.60
N LEU A 159 29.37 12.79 -1.87
CA LEU A 159 30.34 11.73 -2.19
C LEU A 159 29.71 10.34 -2.14
N GLN A 160 29.03 10.02 -1.05
CA GLN A 160 28.31 8.75 -0.97
C GLN A 160 27.29 8.59 -2.07
N ALA A 161 26.61 9.69 -2.42
CA ALA A 161 25.64 9.65 -3.52
C ALA A 161 26.28 9.32 -4.86
N ILE A 162 27.51 9.82 -5.09
CA ILE A 162 28.27 9.47 -6.30
C ILE A 162 28.52 7.95 -6.33
N THR A 163 28.93 7.39 -5.21
CA THR A 163 29.12 5.91 -5.08
C THR A 163 27.85 5.12 -5.45
N PHE A 164 26.73 5.52 -4.83
CA PHE A 164 25.41 4.97 -5.09
C PHE A 164 25.09 5.00 -6.60
N ILE A 165 25.30 6.15 -7.22
CA ILE A 165 25.04 6.28 -8.65
C ILE A 165 25.94 5.32 -9.45
N ASP A 166 27.22 5.25 -9.12
CA ASP A 166 28.17 4.39 -9.87
C ASP A 166 27.86 2.90 -9.73
N GLN A 167 27.11 2.54 -8.70
CA GLN A 167 26.63 1.17 -8.46
C GLN A 167 25.18 0.86 -8.95
N LEU A 168 24.51 1.84 -9.57
CA LEU A 168 23.28 1.55 -10.29
C LEU A 168 23.52 0.60 -11.47
N MET A 169 22.49 -0.16 -11.80
CA MET A 169 22.54 -1.13 -12.89
C MET A 169 21.56 -0.73 -13.97
N ALA A 170 21.81 -1.24 -15.17
CA ALA A 170 20.96 -0.99 -16.32
C ALA A 170 19.61 -1.64 -16.09
N ALA A 171 18.52 -0.96 -16.45
CA ALA A 171 17.21 -1.60 -16.46
C ALA A 171 17.22 -2.74 -17.50
N ARG A 172 16.46 -3.79 -17.18
CA ARG A 172 16.31 -4.98 -17.99
C ARG A 172 14.85 -5.38 -17.98
N ALA A 173 14.43 -6.00 -19.08
CA ALA A 173 13.09 -6.61 -19.21
C ALA A 173 12.85 -7.53 -18.02
N LEU A 174 11.60 -7.66 -17.65
CA LEU A 174 11.22 -8.36 -16.43
C LEU A 174 11.33 -9.87 -16.59
N PRO A 175 12.00 -10.53 -15.60
CA PRO A 175 12.10 -11.99 -15.58
C PRO A 175 10.75 -12.67 -15.44
N VAL A 176 10.59 -13.78 -16.16
CA VAL A 176 9.34 -14.54 -16.20
C VAL A 176 8.98 -15.09 -14.81
N LEU A 177 7.69 -15.17 -14.51
CA LEU A 177 7.26 -15.62 -13.19
C LEU A 177 7.46 -17.10 -13.20
N ASN A 178 8.37 -17.56 -12.35
CA ASN A 178 8.89 -18.91 -12.52
C ASN A 178 8.69 -19.89 -11.37
N ALA A 179 8.70 -19.40 -10.13
CA ALA A 179 8.65 -20.28 -8.97
C ALA A 179 7.38 -21.08 -8.96
N ARG A 180 7.47 -22.27 -8.40
CA ARG A 180 6.37 -23.19 -8.30
C ARG A 180 6.21 -23.65 -6.88
N ILE A 181 4.94 -23.85 -6.52
CA ILE A 181 4.51 -24.21 -5.17
C ILE A 181 4.83 -25.70 -4.90
N GLN A 182 5.51 -25.96 -3.79
CA GLN A 182 5.71 -27.33 -3.36
C GLN A 182 5.01 -27.68 -2.06
N HIS A 183 4.50 -26.67 -1.36
CA HIS A 183 3.69 -26.92 -0.18
C HIS A 183 2.89 -25.67 0.20
N SER A 184 1.70 -25.92 0.70
CA SER A 184 0.81 -24.88 1.17
C SER A 184 0.35 -25.25 2.58
N SER A 185 0.17 -24.25 3.42
CA SER A 185 -0.47 -24.43 4.70
C SER A 185 -1.19 -23.14 5.04
N HIS A 186 -2.05 -23.22 6.04
CA HIS A 186 -2.89 -22.11 6.39
C HIS A 186 -2.72 -21.76 7.84
N THR A 187 -2.62 -20.46 8.12
CA THR A 187 -2.71 -19.92 9.45
C THR A 187 -3.82 -18.85 9.49
N PRO A 188 -4.84 -19.04 10.34
CA PRO A 188 -5.06 -20.28 11.11
C PRO A 188 -5.48 -21.44 10.20
N GLY A 189 -5.19 -22.67 10.63
CA GLY A 189 -5.78 -23.87 10.03
C GLY A 189 -7.30 -23.93 10.24
N TYR A 190 -7.97 -24.86 9.57
CA TYR A 190 -9.44 -24.86 9.55
C TYR A 190 -10.07 -25.01 10.95
N PRO A 191 -9.58 -25.95 11.75
CA PRO A 191 -10.18 -26.11 13.08
C PRO A 191 -10.10 -24.84 13.91
N GLN A 192 -8.99 -24.11 13.81
CA GLN A 192 -8.81 -22.88 14.59
C GLN A 192 -9.69 -21.77 14.02
N TRP A 193 -9.76 -21.74 12.69
CA TRP A 193 -10.70 -20.85 11.97
C TRP A 193 -12.14 -21.07 12.43
N ARG A 194 -12.56 -22.32 12.36
CA ARG A 194 -13.84 -22.73 12.85
C ARG A 194 -14.04 -22.38 14.34
N ASN A 195 -13.08 -22.70 15.20
CA ASN A 195 -13.19 -22.37 16.64
C ASN A 195 -13.24 -20.86 16.89
N LEU A 196 -12.52 -20.09 16.06
CA LEU A 196 -12.46 -18.65 16.20
C LEU A 196 -13.80 -18.04 15.77
N ILE A 197 -14.34 -18.52 14.65
CA ILE A 197 -15.63 -18.04 14.15
C ILE A 197 -16.78 -18.35 15.13
N GLN A 198 -16.74 -19.51 15.77
CA GLN A 198 -17.74 -19.84 16.81
C GLN A 198 -17.65 -18.84 17.96
N GLN A 199 -16.42 -18.49 18.30
CA GLN A 199 -16.18 -17.51 19.34
C GLN A 199 -16.77 -16.14 18.95
N ALA A 200 -16.82 -15.86 17.65
CA ALA A 200 -17.40 -14.59 17.16
C ALA A 200 -18.92 -14.65 16.99
N LEU A 201 -19.45 -15.82 16.62
CA LEU A 201 -20.90 -16.03 16.60
C LEU A 201 -21.51 -15.92 17.99
N ASN A 202 -20.82 -16.47 19.00
CA ASN A 202 -21.29 -16.37 20.39
C ASN A 202 -21.18 -14.93 20.91
N ASP A 203 -20.12 -14.23 20.48
CA ASP A 203 -19.90 -12.81 20.82
C ASP A 203 -20.90 -11.90 20.13
N ILE A 204 -21.28 -12.22 18.89
CA ILE A 204 -22.30 -11.44 18.20
C ILE A 204 -23.63 -11.45 18.98
N GLU A 205 -23.83 -12.45 19.86
CA GLU A 205 -24.97 -12.47 20.81
C GLU A 205 -24.59 -11.98 22.21
N LEU A 209 -20.64 -7.06 19.87
CA LEU A 209 -20.12 -7.23 18.51
C LEU A 209 -21.26 -7.43 17.50
N ASP A 210 -21.17 -6.72 16.38
CA ASP A 210 -22.09 -6.87 15.24
C ASP A 210 -21.37 -7.51 14.04
N LYS A 211 -20.13 -7.09 13.79
CA LYS A 211 -19.31 -7.69 12.71
C LYS A 211 -17.81 -7.77 13.05
N VAL A 212 -17.17 -8.90 12.76
CA VAL A 212 -15.69 -8.97 12.86
C VAL A 212 -15.08 -9.59 11.60
N VAL A 213 -14.02 -8.97 11.11
CA VAL A 213 -13.26 -9.45 9.96
C VAL A 213 -12.06 -10.24 10.44
N LEU A 214 -11.94 -11.47 9.97
CA LEU A 214 -10.91 -12.39 10.46
C LEU A 214 -9.99 -12.69 9.30
N ALA A 215 -8.70 -12.66 9.58
CA ALA A 215 -7.65 -12.81 8.58
C ALA A 215 -7.19 -14.25 8.50
N ARG A 216 -6.68 -14.63 7.34
CA ARG A 216 -6.00 -15.90 7.20
C ARG A 216 -4.82 -15.72 6.28
N THR A 217 -3.67 -16.25 6.69
CA THR A 217 -2.51 -16.38 5.85
C THR A 217 -2.36 -17.80 5.24
N THR A 218 -2.00 -17.81 3.97
CA THR A 218 -1.69 -19.00 3.21
C THR A 218 -0.19 -18.96 2.98
N THR A 219 0.56 -19.91 3.55
CA THR A 219 2.01 -19.89 3.39
C THR A 219 2.42 -20.87 2.31
N LEU A 220 2.75 -20.34 1.15
CA LEU A 220 3.26 -21.16 0.04
C LEU A 220 4.76 -21.29 0.20
N THR A 221 5.25 -22.53 0.10
CA THR A 221 6.66 -22.81 0.02
C THR A 221 6.98 -23.13 -1.41
N LEU A 222 8.00 -22.44 -1.92
CA LEU A 222 8.35 -22.47 -3.33
C LEU A 222 9.67 -23.19 -3.56
N ASN A 223 9.82 -23.74 -4.77
CA ASN A 223 11.05 -24.40 -5.14
C ASN A 223 12.28 -23.49 -5.27
N LYS A 224 12.08 -22.17 -5.35
CA LYS A 224 13.18 -21.20 -5.30
C LYS A 224 12.68 -19.83 -4.88
N PRO A 225 13.61 -18.87 -4.67
CA PRO A 225 13.23 -17.52 -4.28
C PRO A 225 12.31 -16.83 -5.29
N LEU A 226 11.24 -16.22 -4.80
CA LEU A 226 10.31 -15.58 -5.69
C LEU A 226 10.99 -14.32 -6.26
N SER A 227 10.87 -14.14 -7.56
CA SER A 227 11.15 -12.86 -8.19
C SER A 227 9.97 -11.93 -7.89
N CYS A 228 10.15 -11.02 -6.92
CA CYS A 228 9.19 -9.98 -6.58
C CYS A 228 8.77 -9.16 -7.79
N ALA A 229 9.77 -8.76 -8.58
CA ALA A 229 9.55 -8.11 -9.87
C ALA A 229 8.53 -8.85 -10.66
N ALA A 230 8.83 -10.12 -10.95
CA ALA A 230 7.99 -10.97 -11.83
C ALA A 230 6.55 -11.17 -11.27
N PHE A 231 6.44 -11.23 -9.95
CA PHE A 231 5.17 -11.40 -9.28
C PHE A 231 4.34 -10.14 -9.35
N MET A 232 4.98 -9.02 -9.04
CA MET A 232 4.35 -7.72 -9.20
C MET A 232 3.89 -7.49 -10.66
N ALA A 233 4.68 -7.92 -11.64
CA ALA A 233 4.30 -7.66 -13.03
C ALA A 233 3.06 -8.47 -13.44
N ALA A 234 3.02 -9.72 -12.99
CA ALA A 234 1.88 -10.58 -13.26
C ALA A 234 0.60 -10.04 -12.57
N SER A 235 0.72 -9.54 -11.35
CA SER A 235 -0.44 -8.96 -10.67
C SER A 235 -0.97 -7.70 -11.37
N ARG A 236 -0.07 -6.88 -11.92
CA ARG A 236 -0.48 -5.70 -12.68
C ARG A 236 -1.25 -6.04 -13.93
N GLN A 237 -0.93 -7.16 -14.57
CA GLN A 237 -1.55 -7.47 -15.83
C GLN A 237 -2.97 -7.88 -15.57
N VAL A 238 -3.24 -8.45 -14.40
CA VAL A 238 -4.54 -9.02 -14.14
C VAL A 238 -5.43 -8.25 -13.14
N ASN A 239 -4.82 -7.51 -12.21
CA ASN A 239 -5.55 -6.79 -11.19
C ASN A 239 -5.60 -5.33 -11.54
N HIS A 240 -6.45 -5.02 -12.50
CA HIS A 240 -6.71 -3.65 -12.91
C HIS A 240 -7.47 -2.84 -11.85
N ARG A 241 -7.35 -1.52 -11.93
CA ARG A 241 -8.02 -0.60 -11.01
C ARG A 241 -7.57 -0.77 -9.58
N CYS A 242 -6.30 -1.17 -9.42
CA CYS A 242 -5.69 -1.41 -8.13
C CYS A 242 -4.42 -0.59 -7.99
N TYR A 243 -4.19 -0.10 -6.77
CA TYR A 243 -2.87 0.41 -6.39
C TYR A 243 -1.90 -0.74 -6.22
N HIS A 244 -0.79 -0.73 -6.96
CA HIS A 244 0.25 -1.76 -6.83
C HIS A 244 1.37 -1.13 -6.03
N PHE A 245 1.79 -1.83 -4.99
CA PHE A 245 2.85 -1.36 -4.14
C PHE A 245 3.76 -2.52 -3.83
N MET A 246 5.04 -2.20 -3.61
CA MET A 246 6.05 -3.21 -3.33
C MET A 246 7.17 -2.59 -2.54
N LEU A 247 7.34 -3.02 -1.29
CA LEU A 247 8.46 -2.58 -0.53
C LEU A 247 9.41 -3.78 -0.42
N ARG A 248 10.59 -3.69 -1.01
CA ARG A 248 11.63 -4.70 -0.79
C ARG A 248 12.60 -4.16 0.29
N PHE A 249 12.60 -4.82 1.44
CA PHE A 249 13.47 -4.43 2.57
C PHE A 249 14.90 -4.80 2.27
N ASP A 250 15.08 -5.97 1.70
CA ASP A 250 16.36 -6.41 1.15
C ASP A 250 16.06 -7.41 0.03
N ASP A 251 17.08 -8.07 -0.50
CA ASP A 251 16.89 -8.94 -1.66
C ASP A 251 16.10 -10.22 -1.34
N ARG A 252 15.85 -10.51 -0.06
CA ARG A 252 15.00 -11.63 0.34
C ARG A 252 13.64 -11.27 0.95
N GLN A 253 13.53 -10.15 1.69
CA GLN A 253 12.27 -9.75 2.35
C GLN A 253 11.57 -8.62 1.61
N ALA A 254 10.27 -8.80 1.37
CA ALA A 254 9.40 -7.75 0.80
C ALA A 254 7.97 -7.84 1.33
N PHE A 255 7.21 -6.76 1.13
CA PHE A 255 5.76 -6.73 1.29
C PHE A 255 5.18 -6.05 0.05
N LEU A 256 4.21 -6.68 -0.58
CA LEU A 256 3.66 -6.14 -1.82
C LEU A 256 2.16 -6.43 -1.92
N GLY A 257 1.46 -5.70 -2.77
CA GLY A 257 0.04 -6.00 -3.02
C GLY A 257 -0.61 -5.20 -4.12
N SER A 258 -1.87 -5.51 -4.37
CA SER A 258 -2.67 -4.80 -5.35
C SER A 258 -4.06 -4.60 -4.73
N SER A 259 -4.24 -3.44 -4.12
CA SER A 259 -5.44 -3.07 -3.42
C SER A 259 -6.28 -2.10 -4.24
N PRO A 260 -7.58 -2.39 -4.36
CA PRO A 260 -8.47 -1.43 -5.02
C PRO A 260 -8.83 -0.21 -4.18
N GLU A 261 -8.41 -0.18 -2.90
CA GLU A 261 -8.95 0.79 -1.94
C GLU A 261 -8.00 1.88 -1.48
N ARG A 262 -8.49 3.10 -1.55
CA ARG A 262 -7.76 4.21 -1.04
C ARG A 262 -8.05 4.31 0.45
N LEU A 263 -7.01 4.52 1.28
CA LEU A 263 -7.21 4.99 2.67
C LEU A 263 -7.56 6.49 2.68
N TYR A 264 -6.65 7.33 2.20
CA TYR A 264 -6.95 8.74 1.96
C TYR A 264 -6.02 9.44 1.00
N LEU A 265 -6.53 10.47 0.35
CA LEU A 265 -5.75 11.39 -0.47
C LEU A 265 -5.87 12.74 0.18
N ARG A 266 -4.75 13.41 0.37
CA ARG A 266 -4.78 14.75 0.94
C ARG A 266 -4.04 15.73 0.04
N GLN A 267 -4.74 16.82 -0.28
CA GLN A 267 -4.17 17.89 -1.06
C GLN A 267 -4.40 19.16 -0.29
N GLN A 268 -3.37 19.61 0.41
CA GLN A 268 -3.49 20.75 1.32
C GLN A 268 -4.58 20.32 2.28
N LEU A 269 -5.64 21.09 2.43
CA LEU A 269 -6.64 20.75 3.45
C LEU A 269 -7.78 19.96 2.81
N HIS A 270 -7.70 19.67 1.51
CA HIS A 270 -8.65 18.78 0.89
C HIS A 270 -8.36 17.29 1.23
N LEU A 271 -9.37 16.54 1.66
CA LEU A 271 -9.23 15.10 1.88
C LEU A 271 -10.34 14.32 1.17
N GLU A 272 -9.92 13.23 0.51
CA GLU A 272 -10.83 12.23 0.06
C GLU A 272 -10.51 10.89 0.67
N THR A 273 -11.57 10.18 1.02
CA THR A 273 -11.49 8.77 1.36
C THR A 273 -12.71 8.12 0.74
N GLU A 274 -13.04 6.91 1.16
CA GLU A 274 -14.15 6.22 0.53
C GLU A 274 -14.62 5.05 1.35
N ALA A 275 -15.91 4.76 1.24
CA ALA A 275 -16.49 3.50 1.75
C ALA A 275 -16.54 2.54 0.58
N LEU A 276 -15.75 1.47 0.67
CA LEU A 276 -15.70 0.39 -0.31
C LEU A 276 -16.19 -0.85 0.43
N ALA A 277 -17.41 -1.25 0.12
CA ALA A 277 -18.14 -2.27 0.88
C ALA A 277 -19.44 -2.57 0.16
N GLY A 278 -19.83 -3.85 0.16
CA GLY A 278 -20.96 -4.29 -0.65
C GLY A 278 -20.40 -4.87 -1.93
N THR A 279 -20.70 -6.16 -2.18
CA THR A 279 -20.05 -6.92 -3.26
C THR A 279 -21.04 -7.78 -4.07
N VAL A 280 -20.71 -8.00 -5.34
CA VAL A 280 -21.25 -9.12 -6.12
C VAL A 280 -20.13 -9.63 -7.02
N SER A 281 -20.28 -10.84 -7.56
CA SER A 281 -19.24 -11.36 -8.42
C SER A 281 -19.10 -10.53 -9.69
N ASN A 282 -17.89 -10.52 -10.18
CA ASN A 282 -17.63 -10.08 -11.53
C ASN A 282 -17.81 -11.28 -12.42
N LEU A 283 -17.98 -11.04 -13.71
CA LEU A 283 -17.93 -12.06 -14.74
C LEU A 283 -17.25 -11.48 -15.96
N ASP A 284 -16.46 -12.29 -16.66
CA ASP A 284 -15.69 -11.81 -17.83
C ASP A 284 -16.56 -11.12 -18.88
N SER A 285 -17.75 -11.66 -19.13
CA SER A 285 -18.72 -10.98 -20.00
C SER A 285 -19.16 -9.62 -19.42
N ASP A 286 -18.84 -8.57 -20.18
CA ASP A 286 -19.21 -7.20 -19.85
C ASP A 286 -20.70 -7.03 -19.55
N PRO A 287 -21.59 -7.48 -20.47
CA PRO A 287 -22.98 -7.29 -20.13
C PRO A 287 -23.50 -8.21 -18.99
N GLN A 288 -22.90 -9.37 -18.78
CA GLN A 288 -23.31 -10.22 -17.65
C GLN A 288 -22.93 -9.49 -16.37
N ALA A 289 -21.72 -8.92 -16.37
CA ALA A 289 -21.21 -8.12 -15.27
C ALA A 289 -22.06 -6.89 -15.02
N ALA A 290 -22.45 -6.19 -16.09
CA ALA A 290 -23.32 -5.00 -15.97
C ALA A 290 -24.63 -5.34 -15.26
N VAL A 291 -25.23 -6.44 -15.68
CA VAL A 291 -26.45 -6.92 -15.08
C VAL A 291 -26.30 -7.15 -13.53
N LEU A 292 -25.18 -7.73 -13.09
CA LEU A 292 -24.94 -7.94 -11.66
C LEU A 292 -24.63 -6.64 -10.88
N ALA A 293 -23.96 -5.68 -11.55
CA ALA A 293 -23.68 -4.35 -11.00
C ALA A 293 -24.97 -3.57 -10.76
N ASP A 294 -25.84 -3.62 -11.76
CA ASP A 294 -27.22 -3.10 -11.61
C ASP A 294 -27.90 -3.67 -10.38
N TRP A 295 -27.86 -4.99 -10.25
CA TRP A 295 -28.46 -5.65 -9.09
C TRP A 295 -27.85 -5.11 -7.79
N LEU A 296 -26.53 -4.98 -7.78
CA LEU A 296 -25.79 -4.53 -6.59
C LEU A 296 -26.20 -3.11 -6.26
N MET A 297 -26.20 -2.24 -7.28
CA MET A 297 -26.63 -0.85 -7.15
C MET A 297 -27.99 -0.74 -6.47
N HIS A 298 -28.92 -1.65 -6.76
CA HIS A 298 -30.27 -1.55 -6.20
C HIS A 298 -30.53 -2.50 -5.03
N ASP A 299 -29.51 -3.16 -4.51
CA ASP A 299 -29.72 -4.09 -3.41
C ASP A 299 -29.63 -3.44 -2.05
N GLU A 300 -30.73 -3.46 -1.30
CA GLU A 300 -30.80 -2.79 0.00
C GLU A 300 -29.74 -3.25 0.97
N LYS A 301 -29.55 -4.57 1.06
CA LYS A 301 -28.65 -5.12 2.07
C LYS A 301 -27.23 -4.62 1.84
N ASN A 302 -26.79 -4.72 0.58
CA ASN A 302 -25.45 -4.27 0.23
C ASN A 302 -25.28 -2.75 0.35
N GLN A 303 -26.31 -2.00 -0.04
CA GLN A 303 -26.29 -0.56 0.11
C GLN A 303 -26.16 -0.18 1.59
N ARG A 304 -26.94 -0.81 2.46
CA ARG A 304 -26.87 -0.55 3.92
C ARG A 304 -25.45 -0.82 4.45
N GLU A 305 -24.85 -1.94 4.03
CA GLU A 305 -23.47 -2.29 4.48
C GLU A 305 -22.53 -1.15 4.09
N ASN A 306 -22.64 -0.69 2.85
CA ASN A 306 -21.84 0.44 2.40
C ASN A 306 -22.11 1.70 3.22
N LEU A 307 -23.36 1.98 3.55
CA LEU A 307 -23.68 3.21 4.29
C LEU A 307 -23.18 3.17 5.73
N LEU A 308 -23.15 2.01 6.35
CA LEU A 308 -22.59 1.94 7.74
C LEU A 308 -21.10 2.17 7.70
N VAL A 309 -20.43 1.78 6.61
CA VAL A 309 -19.04 2.18 6.45
C VAL A 309 -18.90 3.72 6.32
N VAL A 310 -19.76 4.34 5.51
CA VAL A 310 -19.76 5.77 5.37
C VAL A 310 -19.98 6.46 6.72
N ASP A 311 -20.91 5.94 7.52
CA ASP A 311 -21.16 6.49 8.84
C ASP A 311 -19.94 6.40 9.79
N ASP A 312 -19.24 5.26 9.78
CA ASP A 312 -18.06 5.11 10.60
C ASP A 312 -16.98 6.15 10.20
N ILE A 313 -16.72 6.26 8.90
CA ILE A 313 -15.71 7.17 8.39
C ILE A 313 -16.04 8.60 8.78
N CYS A 314 -17.29 9.00 8.56
CA CYS A 314 -17.74 10.34 8.94
C CYS A 314 -17.60 10.55 10.43
N GLN A 315 -17.93 9.54 11.20
CA GLN A 315 -17.81 9.62 12.65
C GLN A 315 -16.34 9.84 13.06
N ARG A 316 -15.42 9.20 12.37
CA ARG A 316 -13.98 9.31 12.71
C ARG A 316 -13.39 10.66 12.28
N LEU A 317 -13.95 11.28 11.24
CA LEU A 317 -13.45 12.57 10.73
C LEU A 317 -13.96 13.82 11.46
N GLN A 318 -15.10 13.73 12.14
CA GLN A 318 -15.89 14.93 12.42
C GLN A 318 -15.19 16.01 13.26
N GLY A 319 -14.39 15.60 14.24
CA GLY A 319 -13.66 16.58 15.05
C GLY A 319 -12.43 17.20 14.40
N GLY A 320 -12.09 16.75 13.20
CA GLY A 320 -10.95 17.25 12.44
C GLY A 320 -11.32 17.84 11.10
N VAL A 321 -12.58 18.15 10.89
CA VAL A 321 -12.94 18.73 9.61
C VAL A 321 -13.83 19.90 9.80
N THR A 322 -13.80 20.82 8.84
CA THR A 322 -14.78 21.89 8.79
C THR A 322 -16.00 21.43 7.98
N ALA A 323 -15.84 20.46 7.09
CA ALA A 323 -16.95 19.94 6.29
C ALA A 323 -16.65 18.54 5.78
N VAL A 324 -17.69 17.72 5.66
CA VAL A 324 -17.55 16.39 5.06
C VAL A 324 -18.80 16.14 4.27
N ASP A 325 -18.66 15.42 3.16
CA ASP A 325 -19.80 15.15 2.33
C ASP A 325 -19.54 13.89 1.53
N VAL A 326 -20.61 13.31 1.00
CA VAL A 326 -20.59 11.99 0.40
C VAL A 326 -21.21 12.06 -0.98
N MET A 327 -20.54 11.49 -1.96
CA MET A 327 -21.05 11.44 -3.31
C MET A 327 -21.93 10.22 -3.54
N PRO A 328 -22.68 10.20 -4.66
CA PRO A 328 -23.49 9.06 -5.02
C PRO A 328 -22.68 7.77 -5.21
N PRO A 329 -23.32 6.61 -4.95
CA PRO A 329 -22.62 5.36 -4.97
C PRO A 329 -22.20 5.03 -6.39
N GLU A 330 -21.08 4.33 -6.51
CA GLU A 330 -20.73 3.79 -7.82
C GLU A 330 -20.15 2.41 -7.68
N ILE A 331 -20.03 1.74 -8.82
CA ILE A 331 -19.57 0.37 -8.92
C ILE A 331 -18.12 0.33 -9.32
N ILE A 332 -17.28 -0.37 -8.57
CA ILE A 332 -15.93 -0.65 -9.05
C ILE A 332 -15.90 -2.08 -9.55
N ARG A 333 -15.64 -2.26 -10.85
CA ARG A 333 -15.52 -3.59 -11.42
C ARG A 333 -14.08 -4.11 -11.39
N LEU A 334 -13.80 -5.10 -10.52
CA LEU A 334 -12.48 -5.69 -10.36
C LEU A 334 -12.41 -7.08 -11.01
N ARG A 335 -11.25 -7.73 -10.95
CA ARG A 335 -11.11 -9.00 -11.69
C ARG A 335 -12.18 -10.04 -11.35
N LYS A 336 -12.38 -10.33 -10.06
CA LYS A 336 -13.37 -11.35 -9.66
C LYS A 336 -14.61 -10.80 -8.97
N VAL A 337 -14.57 -9.55 -8.53
CA VAL A 337 -15.68 -8.99 -7.78
C VAL A 337 -15.94 -7.56 -8.24
N GLN A 338 -17.13 -7.07 -7.90
CA GLN A 338 -17.55 -5.72 -8.18
C GLN A 338 -18.03 -5.15 -6.85
N HIS A 339 -17.60 -3.93 -6.53
CA HIS A 339 -17.89 -3.32 -5.22
C HIS A 339 -18.76 -2.07 -5.33
N LEU A 340 -19.52 -1.78 -4.30
CA LEU A 340 -20.16 -0.49 -4.14
C LEU A 340 -19.08 0.46 -3.61
N ARG A 341 -19.00 1.68 -4.13
CA ARG A 341 -18.06 2.67 -3.60
C ARG A 341 -18.75 4.00 -3.47
N ARG A 342 -18.56 4.66 -2.33
CA ARG A 342 -18.95 6.05 -2.14
C ARG A 342 -17.71 6.85 -1.72
N ARG A 343 -17.29 7.79 -2.56
CA ARG A 343 -16.29 8.79 -2.20
C ARG A 343 -16.81 9.74 -1.11
N ILE A 344 -15.91 10.07 -0.19
CA ILE A 344 -16.20 10.94 0.94
C ILE A 344 -15.17 12.06 0.87
N CYS A 345 -15.64 13.29 0.75
CA CYS A 345 -14.81 14.46 0.61
C CYS A 345 -14.89 15.32 1.84
N ALA A 346 -13.74 15.81 2.30
CA ALA A 346 -13.70 16.65 3.48
C ALA A 346 -12.73 17.82 3.33
N GLN A 347 -12.94 18.86 4.13
CA GLN A 347 -11.92 19.88 4.32
C GLN A 347 -11.43 19.73 5.73
N LEU A 348 -10.12 19.51 5.85
CA LEU A 348 -9.51 19.31 7.16
C LEU A 348 -9.40 20.61 7.91
N SER A 349 -9.46 20.56 9.23
CA SER A 349 -9.15 21.73 10.05
C SER A 349 -7.66 22.10 9.99
N ARG A 350 -6.81 21.07 9.98
CA ARG A 350 -5.33 21.17 9.99
C ARG A 350 -4.82 20.19 8.96
N ALA A 351 -3.61 20.40 8.48
CA ALA A 351 -2.98 19.51 7.51
C ALA A 351 -1.99 18.67 8.30
N SER A 352 -2.44 17.53 8.81
CA SER A 352 -1.60 16.69 9.63
C SER A 352 -1.85 15.24 9.23
N ASP A 353 -0.89 14.65 8.55
CA ASP A 353 -0.95 13.24 8.11
C ASP A 353 -0.95 12.31 9.33
N THR A 354 -0.22 12.69 10.37
CA THR A 354 -0.32 11.97 11.66
C THR A 354 -1.79 11.83 12.10
N ASP A 355 -2.54 12.91 12.02
CA ASP A 355 -3.89 12.86 12.56
C ASP A 355 -4.81 12.12 11.59
N CYS A 356 -4.57 12.28 10.29
CA CYS A 356 -5.33 11.55 9.31
C CYS A 356 -5.24 10.08 9.51
N LEU A 357 -4.01 9.60 9.68
CA LEU A 357 -3.74 8.17 9.81
C LEU A 357 -4.40 7.59 11.07
N GLN A 358 -4.20 8.29 12.18
CA GLN A 358 -4.73 7.90 13.46
C GLN A 358 -6.26 7.82 13.39
N ARG A 359 -6.92 8.75 12.69
CA ARG A 359 -8.39 8.69 12.55
C ARG A 359 -8.91 7.59 11.61
N LEU A 360 -8.27 7.38 10.47
CA LEU A 360 -8.79 6.49 9.43
C LEU A 360 -8.32 5.03 9.53
N GLN A 361 -7.16 4.78 10.13
CA GLN A 361 -6.58 3.44 10.12
C GLN A 361 -6.51 2.90 11.55
N PRO A 362 -6.91 1.65 11.75
CA PRO A 362 -7.45 0.71 10.77
C PRO A 362 -8.92 1.01 10.44
N THR A 363 -9.29 0.70 9.20
CA THR A 363 -10.62 0.98 8.69
C THR A 363 -11.59 -0.05 9.24
N ALA A 364 -12.87 0.26 9.20
CA ALA A 364 -13.89 -0.68 9.62
C ALA A 364 -13.89 -1.88 8.67
N ALA A 365 -13.60 -1.61 7.39
CA ALA A 365 -13.58 -2.64 6.34
C ALA A 365 -12.60 -3.78 6.64
N VAL A 366 -11.46 -3.48 7.27
CA VAL A 366 -10.51 -4.56 7.64
C VAL A 366 -10.65 -5.08 9.07
N ALA A 367 -11.48 -4.44 9.88
CA ALA A 367 -11.59 -4.79 11.28
C ALA A 367 -13.02 -5.23 11.65
N GLY A 368 -14.00 -4.40 11.33
CA GLY A 368 -15.43 -4.70 11.56
C GLY A 368 -16.19 -3.59 12.28
N LEU A 369 -17.41 -3.90 12.71
CA LEU A 369 -18.30 -2.95 13.41
C LEU A 369 -18.96 -3.61 14.62
N PRO A 370 -19.06 -2.89 15.75
CA PRO A 370 -18.56 -1.54 15.97
C PRO A 370 -17.04 -1.47 16.05
N ARG A 371 -16.48 -0.32 15.69
CA ARG A 371 -15.04 -0.15 15.52
C ARG A 371 -14.19 -0.75 16.66
N GLU A 372 -14.35 -0.25 17.89
CA GLU A 372 -13.50 -0.71 18.99
C GLU A 372 -13.83 -2.12 19.48
N ALA A 373 -15.09 -2.51 19.37
CA ALA A 373 -15.48 -3.87 19.69
C ALA A 373 -14.77 -4.87 18.74
N ALA A 374 -14.61 -4.49 17.47
CA ALA A 374 -13.92 -5.35 16.51
C ALA A 374 -12.43 -5.41 16.85
N ARG A 375 -11.81 -4.24 16.93
CA ARG A 375 -10.37 -4.16 17.11
C ARG A 375 -9.90 -5.03 18.30
N GLN A 376 -10.68 -5.00 19.38
CA GLN A 376 -10.39 -5.77 20.59
C GLN A 376 -10.61 -7.28 20.41
N PHE A 377 -11.68 -7.68 19.73
CA PHE A 377 -11.87 -9.08 19.37
C PHE A 377 -10.67 -9.60 18.56
N ILE A 378 -10.29 -8.86 17.54
CA ILE A 378 -9.14 -9.23 16.72
C ILE A 378 -7.91 -9.29 17.64
N ALA A 379 -7.72 -8.24 18.43
CA ALA A 379 -6.56 -8.20 19.34
C ALA A 379 -6.52 -9.38 20.32
N LYS A 380 -7.68 -9.89 20.71
CA LYS A 380 -7.73 -10.95 21.75
C LYS A 380 -7.60 -12.36 21.22
N HIS A 381 -8.18 -12.61 20.05
CA HIS A 381 -8.36 -13.96 19.55
C HIS A 381 -7.53 -14.31 18.33
N GLU A 382 -7.25 -13.38 17.44
CA GLU A 382 -6.37 -13.70 16.34
C GLU A 382 -5.02 -14.07 16.94
N LEU A 383 -4.56 -15.28 16.65
CA LEU A 383 -3.30 -15.76 17.20
C LEU A 383 -2.07 -15.19 16.51
N PHE A 384 -2.23 -14.69 15.28
CA PHE A 384 -1.10 -14.23 14.47
C PHE A 384 -1.22 -12.77 14.11
N SER A 385 -0.09 -12.07 14.13
CA SER A 385 -0.07 -10.65 13.77
C SER A 385 -0.29 -10.50 12.26
N ARG A 386 -1.06 -9.48 11.88
CA ARG A 386 -1.26 -9.11 10.49
C ARG A 386 -0.04 -8.37 9.93
N GLY A 387 0.79 -7.80 10.81
CA GLY A 387 1.93 -7.01 10.34
C GLY A 387 1.55 -5.88 9.41
N TRP A 388 2.03 -5.94 8.16
CA TRP A 388 1.79 -4.92 7.17
C TRP A 388 0.41 -5.05 6.55
N TYR A 389 -0.17 -6.24 6.60
CA TYR A 389 -1.48 -6.49 5.97
C TYR A 389 -2.59 -5.70 6.69
N ALA A 390 -3.50 -5.14 5.90
CA ALA A 390 -4.56 -4.29 6.46
C ALA A 390 -4.12 -2.92 7.03
N GLY A 391 -2.84 -2.61 6.97
CA GLY A 391 -2.37 -1.25 7.15
C GLY A 391 -2.45 -0.48 5.83
N SER A 392 -1.43 0.31 5.54
CA SER A 392 -1.46 1.14 4.31
C SER A 392 -0.10 1.24 3.65
N ALA A 393 -0.12 1.68 2.39
CA ALA A 393 1.07 1.80 1.56
C ALA A 393 0.89 3.09 0.75
N GLY A 394 1.95 3.89 0.66
CA GLY A 394 1.98 5.06 -0.21
C GLY A 394 3.09 6.05 0.17
N TYR A 395 2.78 7.35 0.11
CA TYR A 395 3.76 8.42 0.40
C TYR A 395 3.14 9.60 1.12
N LEU A 396 3.98 10.36 1.83
CA LEU A 396 3.59 11.69 2.32
C LEU A 396 4.56 12.82 1.91
N SER A 397 4.00 14.03 1.93
CA SER A 397 4.70 15.27 1.68
C SER A 397 3.83 16.38 2.25
N LEU A 398 4.32 17.60 2.18
CA LEU A 398 3.69 18.74 2.81
C LEU A 398 2.32 19.06 2.18
N LYS A 399 2.29 19.03 0.86
CA LYS A 399 1.11 19.46 0.13
C LYS A 399 0.27 18.31 -0.37
N ARG A 400 0.83 17.11 -0.39
CA ARG A 400 0.13 15.99 -0.98
C ARG A 400 0.53 14.67 -0.37
N THR A 401 -0.48 13.90 0.01
CA THR A 401 -0.27 12.61 0.65
C THR A 401 -1.31 11.62 0.17
N GLU A 402 -0.87 10.40 -0.09
CA GLU A 402 -1.79 9.39 -0.45
C GLU A 402 -1.34 8.03 -0.01
N PHE A 403 -2.30 7.35 0.64
CA PHE A 403 -2.16 5.98 1.13
C PHE A 403 -3.29 5.11 0.64
N SER A 404 -2.94 3.88 0.24
CA SER A 404 -3.89 2.81 -0.10
C SER A 404 -3.96 1.83 1.05
N VAL A 405 -5.13 1.27 1.33
CA VAL A 405 -5.25 0.25 2.37
C VAL A 405 -4.54 -1.01 1.87
N ALA A 406 -3.67 -1.62 2.70
CA ALA A 406 -2.79 -2.74 2.28
C ALA A 406 -3.48 -4.12 2.27
N LEU A 407 -4.44 -4.20 1.39
CA LEU A 407 -5.27 -5.35 1.12
C LEU A 407 -4.62 -6.17 0.03
N ARG A 408 -5.06 -7.42 -0.15
CA ARG A 408 -4.67 -8.24 -1.28
C ARG A 408 -3.17 -8.14 -1.46
N SER A 409 -2.45 -8.61 -0.46
CA SER A 409 -1.05 -8.33 -0.34
C SER A 409 -0.41 -9.57 0.26
N ALA A 410 0.91 -9.52 0.36
CA ALA A 410 1.70 -10.73 0.59
C ALA A 410 3.07 -10.33 1.12
N ARG A 411 3.59 -11.18 1.99
CA ARG A 411 4.94 -11.04 2.52
C ARG A 411 5.80 -12.07 1.80
N VAL A 412 6.88 -11.62 1.15
CA VAL A 412 7.83 -12.52 0.53
C VAL A 412 9.02 -12.68 1.46
N ASP A 413 9.43 -13.92 1.65
CA ASP A 413 10.45 -14.25 2.65
C ASP A 413 11.26 -15.42 2.10
N GLY A 414 12.27 -15.09 1.30
CA GLY A 414 13.09 -16.06 0.61
C GLY A 414 12.32 -16.85 -0.41
N GLN A 415 12.11 -18.13 -0.12
CA GLN A 415 11.36 -19.05 -0.97
C GLN A 415 9.97 -19.29 -0.44
N GLN A 416 9.56 -18.54 0.58
CA GLN A 416 8.18 -18.58 1.04
C GLN A 416 7.45 -17.30 0.68
N ILE A 417 6.15 -17.40 0.41
CA ILE A 417 5.30 -16.25 0.25
C ILE A 417 4.07 -16.50 1.11
N HIS A 418 3.70 -15.49 1.89
CA HIS A 418 2.57 -15.55 2.75
C HIS A 418 1.52 -14.64 2.18
N LEU A 419 0.42 -15.23 1.75
CA LEU A 419 -0.67 -14.51 1.13
C LEU A 419 -1.70 -14.24 2.19
N TYR A 420 -2.14 -12.97 2.29
CA TYR A 420 -3.17 -12.56 3.22
C TYR A 420 -4.53 -12.45 2.53
N ALA A 421 -5.57 -12.76 3.28
CA ALA A 421 -6.95 -12.47 2.89
C ALA A 421 -7.79 -12.37 4.18
N GLY A 422 -9.03 -11.88 4.04
CA GLY A 422 -9.94 -11.75 5.18
C GLY A 422 -11.36 -12.15 4.83
N ALA A 423 -12.18 -12.27 5.86
CA ALA A 423 -13.57 -12.65 5.74
C ALA A 423 -14.30 -11.89 6.82
N GLY A 424 -15.38 -11.20 6.44
CA GLY A 424 -16.27 -10.55 7.42
C GLY A 424 -17.23 -11.57 8.00
N ILE A 425 -17.34 -11.64 9.31
CA ILE A 425 -18.19 -12.67 9.92
C ILE A 425 -19.41 -12.02 10.55
N VAL A 426 -20.57 -12.54 10.17
CA VAL A 426 -21.87 -12.00 10.56
C VAL A 426 -22.69 -13.12 11.21
N ALA A 427 -23.77 -12.76 11.89
CA ALA A 427 -24.68 -13.71 12.52
C ALA A 427 -24.93 -14.98 11.71
N GLY A 428 -25.14 -14.85 10.40
CA GLY A 428 -25.46 -16.03 9.56
C GLY A 428 -24.30 -16.93 9.13
N SER A 429 -23.06 -16.61 9.55
CA SER A 429 -21.88 -17.13 8.87
C SER A 429 -21.52 -18.55 9.28
N ASP A 430 -21.26 -19.39 8.27
CA ASP A 430 -20.75 -20.74 8.48
C ASP A 430 -19.25 -20.81 8.20
N ALA A 431 -18.47 -21.27 9.18
CA ALA A 431 -17.02 -21.42 9.05
C ALA A 431 -16.57 -22.04 7.72
N GLU A 432 -17.25 -23.10 7.27
CA GLU A 432 -16.83 -23.85 6.07
C GLU A 432 -17.04 -23.08 4.78
N GLN A 433 -18.15 -22.34 4.74
CA GLN A 433 -18.44 -21.48 3.60
C GLN A 433 -17.47 -20.33 3.58
N GLU A 434 -17.22 -19.71 4.73
CA GLU A 434 -16.26 -18.60 4.78
C GLU A 434 -14.86 -19.06 4.35
N TRP A 435 -14.50 -20.28 4.74
CA TRP A 435 -13.20 -20.84 4.35
C TRP A 435 -13.11 -21.03 2.83
N GLN A 436 -14.21 -21.48 2.22
CA GLN A 436 -14.28 -21.73 0.78
C GLN A 436 -14.20 -20.44 -0.05
N GLU A 437 -14.59 -19.32 0.55
CA GLU A 437 -14.54 -18.02 -0.12
C GLU A 437 -13.15 -17.41 0.01
N ILE A 438 -12.61 -17.46 1.24
CA ILE A 438 -11.41 -16.71 1.60
C ILE A 438 -10.19 -17.19 0.83
N LEU A 445 -4.13 -13.37 -5.77
CA LEU A 445 -2.68 -13.45 -5.83
C LEU A 445 -2.18 -14.90 -5.97
N GLN A 446 -2.77 -15.85 -5.25
CA GLN A 446 -2.31 -17.26 -5.33
C GLN A 446 -2.54 -17.83 -6.73
N SER A 447 -3.68 -17.46 -7.29
CA SER A 447 -3.96 -17.57 -8.73
C SER A 447 -2.77 -17.36 -9.67
N LEU A 448 -1.86 -16.44 -9.29
CA LEU A 448 -0.70 -16.09 -10.13
C LEU A 448 0.36 -17.17 -10.23
N LEU A 449 0.48 -18.00 -9.20
CA LEU A 449 1.52 -19.03 -9.15
C LEU A 449 0.96 -20.40 -9.49
N GLU A 450 1.78 -21.21 -10.16
CA GLU A 450 1.43 -22.60 -10.48
C GLU A 450 2.11 -23.59 -9.51
N HIS A 451 1.53 -24.78 -9.41
CA HIS A 451 2.02 -25.82 -8.49
C HIS A 451 3.16 -26.66 -9.09
N GLU A 452 3.96 -27.26 -8.20
CA GLU A 452 5.09 -28.16 -8.54
C GLU A 452 4.60 -29.58 -8.75
#